data_1EYO
#
_entry.id   1EYO
#
_cell.length_a   1.000
_cell.length_b   1.000
_cell.length_c   1.000
_cell.angle_alpha   90.00
_cell.angle_beta   90.00
_cell.angle_gamma   90.00
#
_symmetry.space_group_name_H-M   'P 1'
#
_entity_poly.entity_id   1
_entity_poly.type   'polypeptide(L)'
_entity_poly.pdbx_seq_one_letter_code
;SCSGRDSRC(HYP)(HYP)VCCMGLMCSRGKCVSIYGE
;
_entity_poly.pdbx_strand_id   A
#
# COMPACT_ATOMS: atom_id res chain seq x y z
N SER A 1 13.50 -0.41 -3.62
CA SER A 1 12.28 0.46 -3.66
C SER A 1 11.09 -0.27 -3.03
N CYS A 2 9.94 0.33 -3.16
CA CYS A 2 8.67 -0.24 -2.59
C CYS A 2 7.45 0.46 -3.23
N SER A 3 6.33 -0.21 -3.14
CA SER A 3 5.07 0.34 -3.71
C SER A 3 4.46 1.34 -2.71
N GLY A 4 4.68 2.61 -2.95
CA GLY A 4 4.14 3.65 -2.03
C GLY A 4 2.63 3.81 -2.30
N ARG A 5 2.01 4.74 -1.64
CA ARG A 5 0.55 4.98 -1.83
C ARG A 5 0.04 4.88 -3.27
N ASP A 6 -0.96 4.03 -3.39
CA ASP A 6 -1.67 3.71 -4.68
C ASP A 6 -0.97 2.73 -5.62
N SER A 7 0.19 2.27 -5.25
CA SER A 7 0.96 1.31 -6.11
C SER A 7 0.40 -0.12 -5.98
N ARG A 8 0.64 -0.93 -7.00
CA ARG A 8 0.16 -2.35 -7.01
C ARG A 8 0.73 -3.12 -5.81
N CYS A 9 -0.15 -3.82 -5.13
CA CYS A 9 0.20 -4.63 -3.92
C CYS A 9 -0.89 -5.69 -3.61
N VAL A 12 3.82 -5.99 -1.96
CA VAL A 12 4.75 -5.05 -2.65
C VAL A 12 4.86 -3.69 -1.96
N CYS A 13 3.79 -3.28 -1.35
CA CYS A 13 3.77 -1.96 -0.65
C CYS A 13 4.87 -1.69 0.38
N CYS A 14 5.04 -0.41 0.56
CA CYS A 14 6.04 0.14 1.50
C CYS A 14 5.61 -0.14 2.94
N MET A 15 6.51 0.10 3.87
CA MET A 15 6.20 -0.13 5.31
C MET A 15 5.08 0.80 5.79
N GLY A 16 3.95 0.20 6.07
CA GLY A 16 2.76 0.95 6.55
C GLY A 16 1.63 0.86 5.53
N LEU A 17 1.96 0.45 4.33
CA LEU A 17 0.96 0.30 3.23
C LEU A 17 0.63 -1.18 2.93
N MET A 18 -0.62 -1.41 2.57
CA MET A 18 -1.12 -2.78 2.24
C MET A 18 -1.82 -2.58 0.89
N CYS A 19 -2.95 -3.18 0.62
CA CYS A 19 -3.60 -2.95 -0.69
C CYS A 19 -5.12 -3.02 -0.69
N SER A 20 -5.68 -1.92 -1.17
CA SER A 20 -7.15 -1.76 -1.28
C SER A 20 -7.52 -2.41 -2.62
N ARG A 21 -7.35 -3.71 -2.64
CA ARG A 21 -7.64 -4.57 -3.82
C ARG A 21 -6.64 -4.37 -4.97
N GLY A 22 -5.62 -3.57 -4.75
CA GLY A 22 -4.63 -3.33 -5.86
C GLY A 22 -3.93 -1.97 -5.83
N LYS A 23 -4.18 -1.19 -4.81
CA LYS A 23 -3.55 0.17 -4.69
C LYS A 23 -3.14 0.32 -3.22
N CYS A 24 -1.92 0.73 -2.97
CA CYS A 24 -1.49 0.88 -1.55
C CYS A 24 -2.29 1.92 -0.80
N VAL A 25 -2.53 1.56 0.43
CA VAL A 25 -3.29 2.41 1.37
C VAL A 25 -2.74 2.13 2.77
N SER A 26 -2.70 3.18 3.53
CA SER A 26 -2.20 3.12 4.93
C SER A 26 -3.03 2.15 5.75
N ILE A 27 -2.33 1.17 6.28
CA ILE A 27 -2.93 0.11 7.13
C ILE A 27 -3.64 0.73 8.33
N TYR A 28 -3.05 1.83 8.74
CA TYR A 28 -3.55 2.62 9.90
C TYR A 28 -5.01 3.01 9.66
N GLY A 29 -5.24 3.62 8.53
CA GLY A 29 -6.61 4.05 8.14
C GLY A 29 -7.46 2.82 7.80
N GLU A 30 -6.88 1.98 7.00
CA GLU A 30 -7.53 0.72 6.54
C GLU A 30 -6.39 -0.25 6.12
N SER A 1 13.17 -0.81 -4.65
CA SER A 1 12.12 0.19 -4.26
C SER A 1 10.86 -0.53 -3.77
N CYS A 2 10.00 0.23 -3.15
CA CYS A 2 8.71 -0.31 -2.61
C CYS A 2 7.52 0.42 -3.24
N SER A 3 6.38 -0.20 -3.15
CA SER A 3 5.12 0.38 -3.72
C SER A 3 4.56 1.41 -2.70
N GLY A 4 4.77 2.67 -2.96
CA GLY A 4 4.27 3.73 -2.04
C GLY A 4 2.76 3.90 -2.26
N ARG A 5 2.16 4.84 -1.60
CA ARG A 5 0.68 5.07 -1.75
C ARG A 5 0.12 4.96 -3.17
N ASP A 6 -0.87 4.10 -3.24
CA ASP A 6 -1.65 3.77 -4.48
C ASP A 6 -0.98 2.79 -5.45
N SER A 7 0.18 2.31 -5.11
CA SER A 7 0.90 1.34 -6.00
C SER A 7 0.35 -0.09 -5.86
N ARG A 8 0.55 -0.87 -6.89
CA ARG A 8 0.07 -2.30 -6.91
C ARG A 8 0.63 -3.09 -5.72
N CYS A 9 -0.25 -3.77 -5.03
CA CYS A 9 0.12 -4.57 -3.83
C CYS A 9 -0.97 -5.63 -3.49
N VAL A 12 3.76 -5.96 -1.94
CA VAL A 12 4.69 -5.04 -2.65
C VAL A 12 4.87 -3.67 -1.97
N CYS A 13 3.82 -3.21 -1.35
CA CYS A 13 3.89 -1.89 -0.67
C CYS A 13 4.95 -1.67 0.40
N CYS A 14 5.17 -0.38 0.55
CA CYS A 14 6.15 0.18 1.51
C CYS A 14 5.72 -0.05 2.96
N MET A 15 6.61 0.28 3.86
CA MET A 15 6.35 0.11 5.31
C MET A 15 5.16 0.97 5.78
N GLY A 16 4.11 0.29 6.16
CA GLY A 16 2.87 0.96 6.65
C GLY A 16 1.79 0.80 5.58
N LEU A 17 2.21 0.63 4.36
CA LEU A 17 1.26 0.47 3.23
C LEU A 17 0.99 -1.02 2.93
N MET A 18 -0.25 -1.31 2.65
CA MET A 18 -0.71 -2.70 2.32
C MET A 18 -1.53 -2.50 1.04
N CYS A 19 -2.71 -3.05 0.91
CA CYS A 19 -3.47 -2.80 -0.36
C CYS A 19 -4.98 -2.82 -0.26
N SER A 20 -5.53 -1.76 -0.78
CA SER A 20 -7.00 -1.54 -0.83
C SER A 20 -7.44 -2.25 -2.11
N ARG A 21 -7.27 -3.56 -2.08
CA ARG A 21 -7.62 -4.47 -3.21
C ARG A 21 -6.72 -4.25 -4.44
N GLY A 22 -5.67 -3.48 -4.31
CA GLY A 22 -4.77 -3.24 -5.50
C GLY A 22 -4.03 -1.90 -5.53
N LYS A 23 -4.23 -1.09 -4.51
CA LYS A 23 -3.55 0.24 -4.44
C LYS A 23 -3.06 0.42 -2.99
N CYS A 24 -1.84 0.84 -2.79
CA CYS A 24 -1.35 1.01 -1.39
C CYS A 24 -2.13 2.04 -0.59
N VAL A 25 -2.32 1.65 0.64
CA VAL A 25 -3.06 2.45 1.65
C VAL A 25 -2.49 2.08 3.01
N SER A 26 -2.44 3.07 3.86
CA SER A 26 -1.91 2.86 5.23
C SER A 26 -2.82 1.88 5.97
N ILE A 27 -2.22 0.89 6.57
CA ILE A 27 -2.98 -0.14 7.34
C ILE A 27 -4.05 0.53 8.22
N TYR A 28 -3.69 1.72 8.63
CA TYR A 28 -4.57 2.57 9.49
C TYR A 28 -5.90 2.87 8.78
N GLY A 29 -5.82 3.54 7.66
CA GLY A 29 -7.05 3.90 6.89
C GLY A 29 -7.72 2.64 6.34
N GLU A 30 -6.89 1.77 5.85
CA GLU A 30 -7.34 0.46 5.27
C GLU A 30 -6.13 -0.49 5.35
N SER A 1 13.46 -0.61 -3.67
CA SER A 1 12.25 0.25 -3.84
C SER A 1 11.02 -0.47 -3.27
N CYS A 2 9.96 0.29 -3.11
CA CYS A 2 8.67 -0.26 -2.58
C CYS A 2 7.48 0.46 -3.23
N SER A 3 6.35 -0.17 -3.16
CA SER A 3 5.10 0.39 -3.74
C SER A 3 4.48 1.39 -2.73
N GLY A 4 4.66 2.66 -2.99
CA GLY A 4 4.10 3.70 -2.08
C GLY A 4 2.61 3.86 -2.35
N ARG A 5 1.98 4.80 -1.71
CA ARG A 5 0.51 5.04 -1.90
C ARG A 5 -0.03 4.90 -3.34
N ASP A 6 -0.97 4.00 -3.43
CA ASP A 6 -1.71 3.62 -4.69
C ASP A 6 -1.00 2.64 -5.62
N SER A 7 0.17 2.21 -5.25
CA SER A 7 0.94 1.26 -6.12
C SER A 7 0.42 -0.18 -5.96
N ARG A 8 0.64 -0.99 -6.97
CA ARG A 8 0.18 -2.42 -6.96
C ARG A 8 0.73 -3.19 -5.75
N CYS A 9 -0.16 -3.86 -5.06
CA CYS A 9 0.19 -4.65 -3.86
C CYS A 9 -0.91 -5.70 -3.53
N VAL A 12 3.78 -5.98 -1.92
CA VAL A 12 4.72 -5.06 -2.63
C VAL A 12 4.85 -3.69 -1.98
N CYS A 13 3.80 -3.25 -1.35
CA CYS A 13 3.84 -1.91 -0.70
C CYS A 13 4.90 -1.66 0.35
N CYS A 14 5.09 -0.38 0.53
CA CYS A 14 6.06 0.20 1.49
C CYS A 14 5.63 -0.08 2.93
N MET A 15 6.53 0.21 3.84
CA MET A 15 6.26 0.00 5.29
C MET A 15 5.15 0.94 5.78
N GLY A 16 4.01 0.36 6.04
CA GLY A 16 2.82 1.11 6.50
C GLY A 16 1.69 0.96 5.48
N LEU A 17 2.06 0.62 4.27
CA LEU A 17 1.08 0.43 3.16
C LEU A 17 0.80 -1.05 2.86
N MET A 18 -0.43 -1.32 2.49
CA MET A 18 -0.89 -2.72 2.15
C MET A 18 -1.68 -2.54 0.84
N CYS A 19 -2.85 -3.11 0.67
CA CYS A 19 -3.57 -2.91 -0.63
C CYS A 19 -5.10 -2.94 -0.60
N SER A 20 -5.62 -1.87 -1.14
CA SER A 20 -7.09 -1.67 -1.25
C SER A 20 -7.44 -2.16 -2.67
N ARG A 21 -7.37 -3.46 -2.79
CA ARG A 21 -7.67 -4.23 -4.05
C ARG A 21 -6.57 -4.14 -5.12
N GLY A 22 -5.48 -3.46 -4.84
CA GLY A 22 -4.39 -3.36 -5.87
C GLY A 22 -3.77 -1.96 -5.93
N LYS A 23 -3.97 -1.22 -4.87
CA LYS A 23 -3.45 0.18 -4.75
C LYS A 23 -3.04 0.31 -3.28
N CYS A 24 -1.85 0.80 -3.02
CA CYS A 24 -1.43 0.94 -1.60
C CYS A 24 -2.26 1.96 -0.84
N VAL A 25 -2.47 1.60 0.40
CA VAL A 25 -3.26 2.41 1.35
C VAL A 25 -2.67 2.13 2.73
N SER A 26 -2.69 3.15 3.54
CA SER A 26 -2.16 3.02 4.93
C SER A 26 -3.00 2.02 5.72
N ILE A 27 -2.28 1.08 6.27
CA ILE A 27 -2.89 -0.01 7.09
C ILE A 27 -3.64 0.60 8.27
N TYR A 28 -3.10 1.70 8.71
CA TYR A 28 -3.66 2.46 9.85
C TYR A 28 -5.12 2.84 9.56
N GLY A 29 -5.32 3.52 8.46
CA GLY A 29 -6.69 3.94 8.06
C GLY A 29 -7.51 2.72 7.62
N GLU A 30 -6.89 1.91 6.80
CA GLU A 30 -7.55 0.68 6.27
C GLU A 30 -7.13 -0.51 7.18
N SER A 1 12.45 2.56 -4.09
CA SER A 1 12.10 1.13 -3.84
C SER A 1 10.67 1.03 -3.27
N CYS A 2 10.21 -0.19 -3.18
CA CYS A 2 8.86 -0.55 -2.66
C CYS A 2 7.69 0.18 -3.36
N SER A 3 6.52 -0.37 -3.15
CA SER A 3 5.26 0.17 -3.74
C SER A 3 4.61 1.14 -2.72
N GLY A 4 4.84 2.41 -2.93
CA GLY A 4 4.27 3.45 -2.02
C GLY A 4 2.77 3.65 -2.29
N ARG A 5 2.18 4.63 -1.65
CA ARG A 5 0.72 4.91 -1.84
C ARG A 5 0.19 4.80 -3.28
N ASP A 6 -0.78 3.93 -3.38
CA ASP A 6 -1.52 3.60 -4.64
C ASP A 6 -0.85 2.58 -5.57
N SER A 7 0.31 2.11 -5.21
CA SER A 7 1.03 1.11 -6.08
C SER A 7 0.44 -0.29 -5.86
N ARG A 8 0.54 -1.12 -6.87
CA ARG A 8 0.01 -2.53 -6.80
C ARG A 8 0.53 -3.29 -5.57
N CYS A 9 -0.38 -3.93 -4.88
CA CYS A 9 -0.06 -4.71 -3.66
C CYS A 9 -1.16 -5.73 -3.30
N VAL A 12 3.61 -6.22 -1.79
CA VAL A 12 4.59 -5.36 -2.50
C VAL A 12 4.78 -3.98 -1.87
N CYS A 13 3.71 -3.47 -1.30
CA CYS A 13 3.80 -2.13 -0.67
C CYS A 13 4.89 -1.92 0.37
N CYS A 14 5.15 -0.65 0.51
CA CYS A 14 6.16 -0.13 1.46
C CYS A 14 5.75 -0.42 2.91
N MET A 15 6.68 -0.23 3.81
CA MET A 15 6.41 -0.47 5.26
C MET A 15 5.41 0.57 5.78
N GLY A 16 4.19 0.12 5.99
CA GLY A 16 3.11 1.01 6.49
C GLY A 16 1.94 1.03 5.49
N LEU A 17 2.18 0.44 4.34
CA LEU A 17 1.17 0.36 3.24
C LEU A 17 0.79 -1.11 2.96
N MET A 18 -0.47 -1.33 2.66
CA MET A 18 -1.01 -2.69 2.35
C MET A 18 -1.78 -2.50 1.03
N CYS A 19 -3.00 -2.96 0.88
CA CYS A 19 -3.70 -2.74 -0.43
C CYS A 19 -5.22 -2.71 -0.40
N SER A 20 -5.72 -1.63 -0.93
CA SER A 20 -7.18 -1.38 -1.04
C SER A 20 -7.58 -1.94 -2.41
N ARG A 21 -7.51 -3.25 -2.47
CA ARG A 21 -7.84 -4.08 -3.67
C ARG A 21 -6.81 -3.98 -4.81
N GLY A 22 -5.69 -3.34 -4.57
CA GLY A 22 -4.64 -3.22 -5.65
C GLY A 22 -3.94 -1.85 -5.69
N LYS A 23 -4.12 -1.10 -4.63
CA LYS A 23 -3.49 0.26 -4.54
C LYS A 23 -3.06 0.41 -3.09
N CYS A 24 -1.84 0.80 -2.85
CA CYS A 24 -1.39 0.96 -1.44
C CYS A 24 -2.15 2.03 -0.68
N VAL A 25 -2.38 1.68 0.55
CA VAL A 25 -3.11 2.53 1.51
C VAL A 25 -2.55 2.18 2.89
N SER A 26 -2.49 3.18 3.72
CA SER A 26 -1.98 3.00 5.10
C SER A 26 -2.72 1.88 5.83
N ILE A 27 -1.94 1.08 6.49
CA ILE A 27 -2.50 -0.07 7.27
C ILE A 27 -3.53 0.41 8.29
N TYR A 28 -3.44 1.68 8.62
CA TYR A 28 -4.38 2.29 9.61
C TYR A 28 -5.64 2.73 8.85
N GLY A 29 -5.42 3.44 7.77
CA GLY A 29 -6.55 3.95 6.93
C GLY A 29 -7.45 2.78 6.50
N GLU A 30 -6.81 1.77 6.01
CA GLU A 30 -7.48 0.53 5.54
C GLU A 30 -6.66 -0.67 6.03
N SER A 1 13.60 -0.11 -3.48
CA SER A 1 12.33 0.42 -4.07
C SER A 1 11.12 -0.31 -3.45
N CYS A 2 10.03 0.41 -3.38
CA CYS A 2 8.77 -0.16 -2.79
C CYS A 2 7.55 0.52 -3.41
N SER A 3 6.43 -0.13 -3.27
CA SER A 3 5.14 0.38 -3.80
C SER A 3 4.51 1.35 -2.77
N GLY A 4 4.77 2.62 -2.96
CA GLY A 4 4.22 3.65 -2.03
C GLY A 4 2.72 3.80 -2.31
N ARG A 5 2.09 4.74 -1.64
CA ARG A 5 0.63 4.95 -1.84
C ARG A 5 0.10 4.84 -3.28
N ASP A 6 -0.91 4.01 -3.39
CA ASP A 6 -1.64 3.71 -4.66
C ASP A 6 -0.98 2.71 -5.60
N SER A 7 0.22 2.29 -5.29
CA SER A 7 0.94 1.31 -6.17
C SER A 7 0.45 -0.13 -5.93
N ARG A 8 0.56 -0.95 -6.95
CA ARG A 8 0.13 -2.39 -6.91
C ARG A 8 0.64 -3.12 -5.65
N CYS A 9 -0.27 -3.78 -4.96
CA CYS A 9 0.06 -4.52 -3.71
C CYS A 9 -1.02 -5.57 -3.34
N VAL A 12 3.78 -5.98 -1.93
CA VAL A 12 4.71 -5.06 -2.63
C VAL A 12 4.83 -3.70 -1.94
N CYS A 13 3.74 -3.28 -1.34
CA CYS A 13 3.74 -1.96 -0.65
C CYS A 13 4.88 -1.67 0.32
N CYS A 14 5.10 -0.39 0.45
CA CYS A 14 6.17 0.14 1.34
C CYS A 14 5.80 -0.14 2.81
N MET A 15 6.74 0.07 3.69
CA MET A 15 6.49 -0.18 5.14
C MET A 15 5.41 0.79 5.65
N GLY A 16 4.27 0.24 5.99
CA GLY A 16 3.14 1.06 6.50
C GLY A 16 1.95 1.02 5.52
N LEU A 17 2.18 0.46 4.36
CA LEU A 17 1.12 0.36 3.31
C LEU A 17 0.72 -1.11 3.06
N MET A 18 -0.54 -1.30 2.75
CA MET A 18 -1.12 -2.65 2.47
C MET A 18 -1.87 -2.43 1.15
N CYS A 19 -2.99 -3.05 0.90
CA CYS A 19 -3.70 -2.79 -0.40
C CYS A 19 -5.22 -2.80 -0.38
N SER A 20 -5.74 -1.69 -0.85
CA SER A 20 -7.19 -1.46 -0.96
C SER A 20 -7.60 -2.05 -2.32
N ARG A 21 -7.56 -3.36 -2.37
CA ARG A 21 -7.90 -4.17 -3.58
C ARG A 21 -6.79 -4.18 -4.64
N GLY A 22 -5.73 -3.42 -4.42
CA GLY A 22 -4.62 -3.39 -5.43
C GLY A 22 -3.94 -2.02 -5.53
N LYS A 23 -4.12 -1.21 -4.51
CA LYS A 23 -3.51 0.15 -4.48
C LYS A 23 -3.10 0.38 -3.02
N CYS A 24 -1.89 0.78 -2.80
CA CYS A 24 -1.46 1.01 -1.39
C CYS A 24 -2.20 2.10 -0.65
N VAL A 25 -2.40 1.76 0.58
CA VAL A 25 -3.11 2.60 1.57
C VAL A 25 -2.51 2.23 2.93
N SER A 26 -2.44 3.21 3.79
CA SER A 26 -1.89 2.98 5.16
C SER A 26 -2.66 1.90 5.92
N ILE A 27 -1.90 1.09 6.61
CA ILE A 27 -2.46 -0.03 7.42
C ILE A 27 -3.57 0.45 8.38
N TYR A 28 -3.54 1.74 8.63
CA TYR A 28 -4.55 2.37 9.54
C TYR A 28 -5.83 2.69 8.76
N GLY A 29 -5.65 3.43 7.69
CA GLY A 29 -6.80 3.84 6.82
C GLY A 29 -7.59 2.60 6.39
N GLU A 30 -6.85 1.62 5.98
CA GLU A 30 -7.44 0.33 5.52
C GLU A 30 -6.62 -0.81 6.19
N SER A 1 13.54 0.14 -2.32
CA SER A 1 12.41 0.48 -3.24
C SER A 1 11.14 -0.23 -2.76
N CYS A 2 10.04 0.49 -2.83
CA CYS A 2 8.72 -0.06 -2.39
C CYS A 2 7.59 0.75 -3.04
N SER A 3 6.42 0.16 -3.04
CA SER A 3 5.22 0.81 -3.63
C SER A 3 4.47 1.65 -2.58
N GLY A 4 4.54 2.94 -2.72
CA GLY A 4 3.84 3.85 -1.77
C GLY A 4 2.33 3.88 -2.09
N ARG A 5 1.63 4.75 -1.41
CA ARG A 5 0.15 4.88 -1.61
C ARG A 5 -0.35 4.84 -3.06
N ASP A 6 -1.29 3.94 -3.23
CA ASP A 6 -2.00 3.65 -4.53
C ASP A 6 -1.32 2.64 -5.47
N SER A 7 -0.16 2.15 -5.12
CA SER A 7 0.54 1.18 -6.04
C SER A 7 -0.01 -0.26 -5.93
N ARG A 8 0.24 -1.04 -6.95
CA ARG A 8 -0.22 -2.47 -7.01
C ARG A 8 0.41 -3.27 -5.86
N CYS A 9 -0.41 -3.98 -5.15
CA CYS A 9 0.06 -4.79 -3.98
C CYS A 9 -0.96 -5.89 -3.60
N VAL A 12 3.92 -5.88 -2.22
CA VAL A 12 4.79 -4.87 -2.92
C VAL A 12 4.87 -3.53 -2.21
N CYS A 13 3.80 -3.15 -1.56
CA CYS A 13 3.80 -1.84 -0.85
C CYS A 13 4.85 -1.63 0.23
N CYS A 14 4.99 -0.37 0.52
CA CYS A 14 5.92 0.16 1.53
C CYS A 14 5.50 -0.22 2.95
N MET A 15 6.39 0.05 3.87
CA MET A 15 6.15 -0.25 5.31
C MET A 15 5.04 0.67 5.83
N GLY A 16 3.88 0.09 6.03
CA GLY A 16 2.71 0.86 6.54
C GLY A 16 1.57 0.76 5.53
N LEU A 17 1.89 0.31 4.33
CA LEU A 17 0.90 0.13 3.23
C LEU A 17 0.69 -1.35 2.90
N MET A 18 -0.52 -1.67 2.52
CA MET A 18 -0.93 -3.06 2.14
C MET A 18 -1.67 -2.88 0.81
N CYS A 19 -2.87 -3.38 0.66
CA CYS A 19 -3.59 -3.19 -0.64
C CYS A 19 -5.11 -3.31 -0.63
N SER A 20 -5.69 -2.28 -1.18
CA SER A 20 -7.17 -2.16 -1.32
C SER A 20 -7.49 -2.83 -2.67
N ARG A 21 -7.21 -4.11 -2.69
CA ARG A 21 -7.42 -4.98 -3.90
C ARG A 21 -6.48 -4.65 -5.06
N GLY A 22 -5.53 -3.77 -4.84
CA GLY A 22 -4.58 -3.43 -5.97
C GLY A 22 -4.03 -2.00 -5.93
N LYS A 23 -4.18 -1.36 -4.80
CA LYS A 23 -3.69 0.06 -4.62
C LYS A 23 -3.25 0.14 -3.17
N CYS A 24 -2.07 0.64 -2.91
CA CYS A 24 -1.60 0.73 -1.50
C CYS A 24 -2.46 1.67 -0.67
N VAL A 25 -2.71 1.20 0.52
CA VAL A 25 -3.53 1.90 1.52
C VAL A 25 -2.97 1.50 2.87
N SER A 26 -3.05 2.41 3.79
CA SER A 26 -2.53 2.16 5.17
C SER A 26 -3.14 0.89 5.79
N ILE A 27 -2.27 0.17 6.46
CA ILE A 27 -2.68 -1.09 7.15
C ILE A 27 -3.75 -0.77 8.21
N TYR A 28 -3.76 0.48 8.60
CA TYR A 28 -4.72 0.98 9.62
C TYR A 28 -5.92 1.52 8.84
N GLY A 29 -5.58 2.32 7.86
CA GLY A 29 -6.58 2.97 6.98
C GLY A 29 -6.50 4.48 7.11
N GLU A 30 -5.31 4.95 7.37
CA GLU A 30 -5.06 6.42 7.53
C GLU A 30 -3.59 6.71 7.18
N SER A 1 13.41 -0.27 -3.12
CA SER A 1 12.20 0.03 -3.94
C SER A 1 10.97 -0.61 -3.28
N CYS A 2 9.89 0.12 -3.32
CA CYS A 2 8.60 -0.36 -2.72
C CYS A 2 7.42 0.39 -3.35
N SER A 3 6.26 -0.22 -3.25
CA SER A 3 5.01 0.39 -3.80
C SER A 3 4.46 1.39 -2.77
N GLY A 4 4.62 2.66 -3.05
CA GLY A 4 4.11 3.71 -2.13
C GLY A 4 2.61 3.88 -2.36
N ARG A 5 2.02 4.84 -1.70
CA ARG A 5 0.55 5.10 -1.85
C ARG A 5 -0.01 4.96 -3.27
N ASP A 6 -1.01 4.10 -3.33
CA ASP A 6 -1.79 3.74 -4.55
C ASP A 6 -1.14 2.74 -5.52
N SER A 7 0.03 2.28 -5.18
CA SER A 7 0.76 1.29 -6.06
C SER A 7 0.23 -0.14 -5.87
N ARG A 8 0.41 -0.97 -6.86
CA ARG A 8 -0.05 -2.40 -6.82
C ARG A 8 0.52 -3.17 -5.62
N CYS A 9 -0.37 -3.80 -4.88
CA CYS A 9 0.01 -4.60 -3.68
C CYS A 9 -1.10 -5.61 -3.28
N VAL A 12 3.66 -5.97 -1.81
CA VAL A 12 4.58 -5.08 -2.58
C VAL A 12 4.76 -3.69 -1.96
N CYS A 13 3.74 -3.23 -1.29
CA CYS A 13 3.83 -1.88 -0.68
C CYS A 13 4.94 -1.65 0.35
N CYS A 14 5.13 -0.36 0.52
CA CYS A 14 6.14 0.20 1.44
C CYS A 14 5.75 -0.07 2.90
N MET A 15 6.68 0.17 3.79
CA MET A 15 6.44 -0.04 5.24
C MET A 15 5.42 1.00 5.74
N GLY A 16 4.22 0.52 5.98
CA GLY A 16 3.12 1.40 6.46
C GLY A 16 1.94 1.35 5.49
N LEU A 17 2.17 0.75 4.35
CA LEU A 17 1.15 0.59 3.27
C LEU A 17 0.83 -0.90 3.02
N MET A 18 -0.40 -1.16 2.67
CA MET A 18 -0.91 -2.54 2.37
C MET A 18 -1.70 -2.39 1.06
N CYS A 19 -2.90 -2.90 0.92
CA CYS A 19 -3.61 -2.71 -0.38
C CYS A 19 -5.14 -2.75 -0.41
N SER A 20 -5.65 -1.71 -1.02
CA SER A 20 -7.11 -1.51 -1.21
C SER A 20 -7.38 -2.12 -2.59
N ARG A 21 -7.36 -3.43 -2.56
CA ARG A 21 -7.59 -4.32 -3.75
C ARG A 21 -6.53 -4.18 -4.86
N GLY A 22 -5.45 -3.47 -4.58
CA GLY A 22 -4.39 -3.31 -5.63
C GLY A 22 -3.83 -1.89 -5.71
N LYS A 23 -4.02 -1.14 -4.65
CA LYS A 23 -3.52 0.26 -4.56
C LYS A 23 -3.07 0.43 -3.11
N CYS A 24 -1.88 0.89 -2.89
CA CYS A 24 -1.43 1.05 -1.48
C CYS A 24 -2.26 2.08 -0.72
N VAL A 25 -2.46 1.72 0.51
CA VAL A 25 -3.24 2.53 1.48
C VAL A 25 -2.65 2.16 2.82
N SER A 26 -2.61 3.10 3.72
CA SER A 26 -2.06 2.83 5.07
C SER A 26 -2.72 1.64 5.76
N ILE A 27 -1.88 0.88 6.41
CA ILE A 27 -2.35 -0.34 7.15
C ILE A 27 -3.36 0.08 8.22
N TYR A 28 -3.31 1.34 8.57
CA TYR A 28 -4.23 1.92 9.59
C TYR A 28 -5.48 2.43 8.87
N GLY A 29 -5.24 3.16 7.81
CA GLY A 29 -6.35 3.74 6.98
C GLY A 29 -7.34 2.66 6.54
N GLU A 30 -6.80 1.62 5.97
CA GLU A 30 -7.61 0.47 5.48
C GLU A 30 -7.51 -0.66 6.53
N SER A 1 13.44 -0.22 -3.38
CA SER A 1 12.18 0.21 -4.05
C SER A 1 10.99 -0.49 -3.39
N CYS A 2 9.88 0.22 -3.37
CA CYS A 2 8.63 -0.32 -2.77
C CYS A 2 7.40 0.38 -3.38
N SER A 3 6.27 -0.25 -3.24
CA SER A 3 5.00 0.30 -3.78
C SER A 3 4.46 1.34 -2.78
N GLY A 4 4.64 2.60 -3.07
CA GLY A 4 4.14 3.67 -2.16
C GLY A 4 2.63 3.85 -2.38
N ARG A 5 2.03 4.81 -1.72
CA ARG A 5 0.56 5.05 -1.87
C ARG A 5 0.00 4.92 -3.30
N ASP A 6 -0.96 4.02 -3.37
CA ASP A 6 -1.73 3.66 -4.61
C ASP A 6 -1.04 2.68 -5.56
N SER A 7 0.14 2.23 -5.21
CA SER A 7 0.88 1.26 -6.08
C SER A 7 0.33 -0.16 -5.89
N ARG A 8 0.47 -0.98 -6.90
CA ARG A 8 -0.02 -2.40 -6.86
C ARG A 8 0.55 -3.16 -5.65
N CYS A 9 -0.33 -3.80 -4.92
CA CYS A 9 0.03 -4.59 -3.70
C CYS A 9 -1.06 -5.61 -3.33
N VAL A 12 3.68 -5.99 -1.81
CA VAL A 12 4.64 -5.10 -2.54
C VAL A 12 4.80 -3.72 -1.91
N CYS A 13 3.76 -3.27 -1.27
CA CYS A 13 3.81 -1.93 -0.62
C CYS A 13 4.92 -1.67 0.38
N CYS A 14 5.14 -0.39 0.51
CA CYS A 14 6.16 0.19 1.42
C CYS A 14 5.77 -0.06 2.88
N MET A 15 6.71 0.22 3.76
CA MET A 15 6.47 0.02 5.22
C MET A 15 5.40 1.00 5.71
N GLY A 16 4.23 0.45 5.99
CA GLY A 16 3.09 1.26 6.49
C GLY A 16 1.93 1.20 5.49
N LEU A 17 2.20 0.65 4.33
CA LEU A 17 1.18 0.53 3.25
C LEU A 17 0.84 -0.96 2.99
N MET A 18 -0.42 -1.21 2.67
CA MET A 18 -0.92 -2.58 2.36
C MET A 18 -1.73 -2.40 1.07
N CYS A 19 -2.89 -2.97 0.91
CA CYS A 19 -3.61 -2.75 -0.40
C CYS A 19 -5.14 -2.76 -0.39
N SER A 20 -5.65 -1.69 -0.96
CA SER A 20 -7.11 -1.47 -1.10
C SER A 20 -7.50 -2.11 -2.45
N ARG A 21 -7.31 -3.41 -2.49
CA ARG A 21 -7.60 -4.26 -3.69
C ARG A 21 -6.54 -4.15 -4.81
N GLY A 22 -5.50 -3.38 -4.59
CA GLY A 22 -4.44 -3.24 -5.66
C GLY A 22 -3.85 -1.83 -5.72
N LYS A 23 -4.01 -1.10 -4.65
CA LYS A 23 -3.49 0.30 -4.54
C LYS A 23 -3.05 0.44 -3.09
N CYS A 24 -1.84 0.89 -2.86
CA CYS A 24 -1.39 1.03 -1.45
C CYS A 24 -2.17 2.08 -0.66
N VAL A 25 -2.39 1.70 0.57
CA VAL A 25 -3.12 2.53 1.54
C VAL A 25 -2.59 2.17 2.92
N SER A 26 -2.55 3.16 3.77
CA SER A 26 -2.06 2.96 5.16
C SER A 26 -2.76 1.79 5.85
N ILE A 27 -1.94 1.00 6.49
CA ILE A 27 -2.44 -0.21 7.22
C ILE A 27 -3.49 0.20 8.26
N TYR A 28 -3.44 1.44 8.64
CA TYR A 28 -4.39 2.00 9.64
C TYR A 28 -5.63 2.52 8.89
N GLY A 29 -5.37 3.26 7.85
CA GLY A 29 -6.47 3.83 7.01
C GLY A 29 -7.44 2.70 6.60
N GLU A 30 -6.83 1.66 6.09
CA GLU A 30 -7.55 0.44 5.63
C GLU A 30 -6.69 -0.77 6.06
N SER A 1 13.50 -0.41 -3.62
CA SER A 1 12.28 0.46 -3.66
C SER A 1 11.09 -0.27 -3.03
N CYS A 2 9.94 0.33 -3.16
CA CYS A 2 8.67 -0.24 -2.59
C CYS A 2 7.45 0.46 -3.23
N SER A 3 6.33 -0.21 -3.14
CA SER A 3 5.07 0.34 -3.71
C SER A 3 4.46 1.34 -2.71
N GLY A 4 4.68 2.61 -2.95
CA GLY A 4 4.14 3.65 -2.03
C GLY A 4 2.63 3.81 -2.30
N ARG A 5 2.01 4.74 -1.64
CA ARG A 5 0.55 4.98 -1.83
C ARG A 5 0.04 4.88 -3.27
N ASP A 6 -0.96 4.03 -3.39
CA ASP A 6 -1.67 3.71 -4.68
C ASP A 6 -0.97 2.73 -5.62
N SER A 7 0.19 2.27 -5.25
CA SER A 7 0.96 1.31 -6.11
C SER A 7 0.40 -0.12 -5.98
N ARG A 8 0.64 -0.93 -7.00
CA ARG A 8 0.16 -2.35 -7.01
C ARG A 8 0.73 -3.12 -5.81
N CYS A 9 -0.15 -3.82 -5.13
CA CYS A 9 0.20 -4.63 -3.92
C CYS A 9 -0.89 -5.69 -3.61
N VAL A 12 3.82 -5.99 -1.96
CA VAL A 12 4.75 -5.05 -2.65
C VAL A 12 4.86 -3.69 -1.96
N CYS A 13 3.79 -3.28 -1.35
CA CYS A 13 3.77 -1.96 -0.65
C CYS A 13 4.87 -1.69 0.38
N CYS A 14 5.04 -0.41 0.56
CA CYS A 14 6.04 0.14 1.50
C CYS A 14 5.61 -0.14 2.94
N MET A 15 6.51 0.10 3.87
CA MET A 15 6.20 -0.13 5.31
C MET A 15 5.08 0.80 5.79
N GLY A 16 3.95 0.20 6.07
CA GLY A 16 2.76 0.95 6.55
C GLY A 16 1.63 0.86 5.53
N LEU A 17 1.96 0.45 4.33
CA LEU A 17 0.96 0.30 3.23
C LEU A 17 0.63 -1.18 2.93
N MET A 18 -0.62 -1.41 2.57
CA MET A 18 -1.12 -2.78 2.24
C MET A 18 -1.82 -2.58 0.89
N CYS A 19 -2.95 -3.18 0.62
CA CYS A 19 -3.60 -2.95 -0.69
C CYS A 19 -5.12 -3.02 -0.69
N SER A 20 -5.68 -1.92 -1.17
CA SER A 20 -7.15 -1.76 -1.28
C SER A 20 -7.52 -2.41 -2.62
N ARG A 21 -7.35 -3.71 -2.64
CA ARG A 21 -7.64 -4.57 -3.82
C ARG A 21 -6.64 -4.37 -4.97
N GLY A 22 -5.62 -3.57 -4.75
CA GLY A 22 -4.63 -3.33 -5.86
C GLY A 22 -3.93 -1.97 -5.83
N LYS A 23 -4.18 -1.19 -4.81
CA LYS A 23 -3.55 0.17 -4.69
C LYS A 23 -3.14 0.32 -3.22
N CYS A 24 -1.92 0.73 -2.97
CA CYS A 24 -1.49 0.88 -1.55
C CYS A 24 -2.29 1.92 -0.80
N VAL A 25 -2.53 1.56 0.43
CA VAL A 25 -3.29 2.41 1.37
C VAL A 25 -2.74 2.13 2.77
N SER A 26 -2.70 3.18 3.53
CA SER A 26 -2.20 3.12 4.93
C SER A 26 -3.03 2.15 5.75
N ILE A 27 -2.33 1.17 6.28
CA ILE A 27 -2.93 0.11 7.13
C ILE A 27 -3.64 0.73 8.33
N TYR A 28 -3.05 1.83 8.74
CA TYR A 28 -3.55 2.62 9.90
C TYR A 28 -5.01 3.01 9.66
N GLY A 29 -5.24 3.62 8.53
CA GLY A 29 -6.61 4.05 8.14
C GLY A 29 -7.46 2.82 7.80
N GLU A 30 -6.88 1.98 7.00
CA GLU A 30 -7.53 0.72 6.54
C GLU A 30 -6.39 -0.25 6.12
N SER A 1 13.27 0.10 -3.35
CA SER A 1 12.01 0.42 -4.09
C SER A 1 10.82 -0.23 -3.37
N CYS A 2 9.74 0.50 -3.32
CA CYS A 2 8.49 0.00 -2.66
C CYS A 2 7.26 0.69 -3.24
N SER A 3 6.16 -0.01 -3.20
CA SER A 3 4.88 0.53 -3.73
C SER A 3 4.26 1.45 -2.65
N GLY A 4 4.40 2.73 -2.85
CA GLY A 4 3.84 3.71 -1.88
C GLY A 4 2.33 3.84 -2.12
N ARG A 5 1.68 4.68 -1.37
CA ARG A 5 0.20 4.88 -1.52
C ARG A 5 -0.30 4.91 -2.97
N ASP A 6 -1.24 4.03 -3.22
CA ASP A 6 -1.92 3.84 -4.55
C ASP A 6 -1.24 2.82 -5.49
N SER A 7 -0.07 2.36 -5.14
CA SER A 7 0.66 1.38 -6.00
C SER A 7 0.16 -0.07 -5.84
N ARG A 8 0.42 -0.88 -6.84
CA ARG A 8 -0.01 -2.32 -6.83
C ARG A 8 0.62 -3.11 -5.67
N CYS A 9 -0.21 -3.85 -4.99
CA CYS A 9 0.22 -4.68 -3.82
C CYS A 9 -0.81 -5.79 -3.50
N VAL A 12 3.94 -5.93 -2.05
CA VAL A 12 4.80 -4.97 -2.78
C VAL A 12 4.91 -3.61 -2.10
N CYS A 13 3.86 -3.23 -1.42
CA CYS A 13 3.88 -1.92 -0.73
C CYS A 13 4.97 -1.68 0.31
N CYS A 14 5.09 -0.41 0.55
CA CYS A 14 6.07 0.15 1.51
C CYS A 14 5.67 -0.23 2.94
N MET A 15 6.59 -0.04 3.86
CA MET A 15 6.32 -0.39 5.28
C MET A 15 5.21 0.53 5.84
N GLY A 16 4.07 -0.07 6.07
CA GLY A 16 2.90 0.67 6.62
C GLY A 16 1.75 0.56 5.63
N LEU A 17 2.07 0.26 4.40
CA LEU A 17 1.05 0.10 3.31
C LEU A 17 0.78 -1.38 2.99
N MET A 18 -0.47 -1.65 2.68
CA MET A 18 -0.95 -3.03 2.32
C MET A 18 -1.69 -2.82 0.99
N CYS A 19 -2.85 -3.38 0.79
CA CYS A 19 -3.56 -3.15 -0.51
C CYS A 19 -5.07 -3.27 -0.50
N SER A 20 -5.68 -2.18 -0.92
CA SER A 20 -7.16 -2.08 -1.01
C SER A 20 -7.52 -2.64 -2.40
N ARG A 21 -7.32 -3.93 -2.53
CA ARG A 21 -7.59 -4.73 -3.77
C ARG A 21 -6.52 -4.53 -4.85
N GLY A 22 -5.53 -3.70 -4.60
CA GLY A 22 -4.47 -3.48 -5.63
C GLY A 22 -3.91 -2.05 -5.63
N LYS A 23 -4.17 -1.35 -4.56
CA LYS A 23 -3.68 0.07 -4.40
C LYS A 23 -3.25 0.19 -2.95
N CYS A 24 -2.05 0.64 -2.72
CA CYS A 24 -1.57 0.78 -1.32
C CYS A 24 -2.37 1.77 -0.49
N VAL A 25 -2.60 1.33 0.71
CA VAL A 25 -3.36 2.09 1.74
C VAL A 25 -2.77 1.67 3.08
N SER A 26 -2.74 2.59 3.99
CA SER A 26 -2.17 2.29 5.34
C SER A 26 -2.93 1.16 6.03
N ILE A 27 -2.15 0.33 6.67
CA ILE A 27 -2.65 -0.86 7.43
C ILE A 27 -3.79 -0.47 8.38
N TYR A 28 -3.83 0.79 8.71
CA TYR A 28 -4.88 1.33 9.61
C TYR A 28 -6.14 1.56 8.76
N GLY A 29 -5.94 2.27 7.68
CA GLY A 29 -7.04 2.59 6.74
C GLY A 29 -6.70 3.87 6.00
N GLU A 30 -6.31 4.85 6.76
CA GLU A 30 -5.93 6.19 6.21
C GLU A 30 -4.42 6.20 5.91
N SER A 1 13.52 0.00 -2.82
CA SER A 1 12.32 0.36 -3.63
C SER A 1 11.09 -0.36 -3.07
N CYS A 2 9.97 0.32 -3.11
CA CYS A 2 8.69 -0.24 -2.61
C CYS A 2 7.50 0.47 -3.26
N SER A 3 6.36 -0.17 -3.18
CA SER A 3 5.11 0.39 -3.76
C SER A 3 4.48 1.38 -2.75
N GLY A 4 4.68 2.65 -2.98
CA GLY A 4 4.12 3.67 -2.06
C GLY A 4 2.62 3.85 -2.37
N ARG A 5 1.97 4.73 -1.66
CA ARG A 5 0.51 4.97 -1.87
C ARG A 5 0.05 4.97 -3.34
N ASP A 6 -0.91 4.10 -3.58
CA ASP A 6 -1.57 3.88 -4.91
C ASP A 6 -0.90 2.80 -5.80
N SER A 7 0.23 2.30 -5.39
CA SER A 7 0.96 1.26 -6.20
C SER A 7 0.38 -0.17 -6.02
N ARG A 8 0.64 -1.01 -7.01
CA ARG A 8 0.17 -2.43 -6.99
C ARG A 8 0.70 -3.21 -5.78
N CYS A 9 -0.21 -3.88 -5.10
CA CYS A 9 0.14 -4.69 -3.89
C CYS A 9 -0.96 -5.73 -3.56
N VAL A 12 3.77 -6.01 -1.91
CA VAL A 12 4.72 -5.10 -2.61
C VAL A 12 4.87 -3.72 -1.98
N CYS A 13 3.80 -3.26 -1.38
CA CYS A 13 3.85 -1.91 -0.75
C CYS A 13 4.91 -1.67 0.32
N CYS A 14 5.10 -0.39 0.50
CA CYS A 14 6.06 0.17 1.47
C CYS A 14 5.65 -0.13 2.91
N MET A 15 6.54 0.15 3.82
CA MET A 15 6.28 -0.11 5.27
C MET A 15 5.18 0.85 5.78
N GLY A 16 4.02 0.27 5.96
CA GLY A 16 2.83 1.04 6.45
C GLY A 16 1.70 0.94 5.43
N LEU A 17 2.03 0.54 4.23
CA LEU A 17 1.04 0.39 3.13
C LEU A 17 0.72 -1.10 2.83
N MET A 18 -0.52 -1.33 2.47
CA MET A 18 -1.02 -2.72 2.13
C MET A 18 -1.73 -2.54 0.77
N CYS A 19 -2.93 -3.03 0.59
CA CYS A 19 -3.61 -2.85 -0.73
C CYS A 19 -5.13 -2.92 -0.70
N SER A 20 -5.70 -1.85 -1.18
CA SER A 20 -7.17 -1.70 -1.26
C SER A 20 -7.55 -2.24 -2.64
N ARG A 21 -7.43 -3.55 -2.73
CA ARG A 21 -7.74 -4.34 -3.97
C ARG A 21 -6.64 -4.26 -5.03
N GLY A 22 -5.63 -3.45 -4.81
CA GLY A 22 -4.54 -3.33 -5.83
C GLY A 22 -3.85 -1.96 -5.85
N LYS A 23 -4.12 -1.17 -4.85
CA LYS A 23 -3.51 0.19 -4.75
C LYS A 23 -3.11 0.36 -3.28
N CYS A 24 -1.89 0.75 -3.04
CA CYS A 24 -1.45 0.91 -1.62
C CYS A 24 -2.26 1.96 -0.86
N VAL A 25 -2.53 1.57 0.36
CA VAL A 25 -3.31 2.40 1.30
C VAL A 25 -2.75 2.11 2.69
N SER A 26 -2.76 3.15 3.49
CA SER A 26 -2.26 3.07 4.88
C SER A 26 -3.01 2.03 5.72
N ILE A 27 -2.26 1.11 6.25
CA ILE A 27 -2.81 0.02 7.10
C ILE A 27 -3.53 0.64 8.30
N TYR A 28 -3.01 1.79 8.67
CA TYR A 28 -3.54 2.59 9.80
C TYR A 28 -4.99 2.98 9.50
N GLY A 29 -5.17 3.54 8.32
CA GLY A 29 -6.52 3.97 7.86
C GLY A 29 -7.45 2.77 7.67
N GLU A 30 -6.94 1.79 6.97
CA GLU A 30 -7.70 0.53 6.69
C GLU A 30 -6.91 -0.65 7.25
N SER A 1 12.28 -0.24 -5.66
CA SER A 1 11.78 0.50 -4.46
C SER A 1 10.39 -0.03 -4.06
N CYS A 2 10.07 0.13 -2.80
CA CYS A 2 8.75 -0.33 -2.27
C CYS A 2 7.59 0.41 -2.95
N SER A 3 6.45 -0.23 -2.95
CA SER A 3 5.23 0.36 -3.57
C SER A 3 4.59 1.34 -2.57
N GLY A 4 4.78 2.62 -2.81
CA GLY A 4 4.20 3.64 -1.90
C GLY A 4 2.71 3.81 -2.22
N ARG A 5 2.07 4.76 -1.60
CA ARG A 5 0.61 5.01 -1.82
C ARG A 5 0.12 4.88 -3.28
N ASP A 6 -0.84 3.98 -3.39
CA ASP A 6 -1.54 3.64 -4.67
C ASP A 6 -0.82 2.65 -5.60
N SER A 7 0.34 2.20 -5.21
CA SER A 7 1.12 1.25 -6.05
C SER A 7 0.57 -0.19 -5.92
N ARG A 8 0.83 -1.01 -6.92
CA ARG A 8 0.37 -2.44 -6.93
C ARG A 8 0.90 -3.22 -5.72
N CYS A 9 -0.01 -3.88 -5.07
CA CYS A 9 0.29 -4.70 -3.86
C CYS A 9 -0.81 -5.74 -3.56
N VAL A 12 3.86 -6.04 -1.84
CA VAL A 12 4.80 -5.11 -2.52
C VAL A 12 4.92 -3.74 -1.85
N CYS A 13 3.84 -3.31 -1.26
CA CYS A 13 3.86 -1.98 -0.60
C CYS A 13 4.89 -1.75 0.50
N CYS A 14 5.07 -0.47 0.70
CA CYS A 14 6.01 0.08 1.71
C CYS A 14 5.53 -0.21 3.13
N MET A 15 6.40 0.04 4.08
CA MET A 15 6.07 -0.19 5.51
C MET A 15 4.96 0.76 5.96
N GLY A 16 3.80 0.18 6.17
CA GLY A 16 2.60 0.96 6.61
C GLY A 16 1.51 0.85 5.55
N LEU A 17 1.91 0.50 4.35
CA LEU A 17 0.97 0.36 3.21
C LEU A 17 0.65 -1.12 2.90
N MET A 18 -0.58 -1.36 2.52
CA MET A 18 -1.06 -2.75 2.16
C MET A 18 -1.75 -2.57 0.79
N CYS A 19 -2.91 -3.11 0.55
CA CYS A 19 -3.57 -2.92 -0.78
C CYS A 19 -5.08 -2.98 -0.80
N SER A 20 -5.62 -1.90 -1.29
CA SER A 20 -7.09 -1.72 -1.42
C SER A 20 -7.43 -2.25 -2.82
N ARG A 21 -7.32 -3.55 -2.93
CA ARG A 21 -7.61 -4.31 -4.19
C ARG A 21 -6.45 -4.26 -5.21
N GLY A 22 -5.45 -3.44 -4.94
CA GLY A 22 -4.30 -3.35 -5.90
C GLY A 22 -3.66 -1.96 -5.92
N LYS A 23 -3.91 -1.21 -4.89
CA LYS A 23 -3.35 0.18 -4.76
C LYS A 23 -2.99 0.32 -3.29
N CYS A 24 -1.79 0.77 -3.00
CA CYS A 24 -1.40 0.92 -1.58
C CYS A 24 -2.24 1.94 -0.83
N VAL A 25 -2.50 1.56 0.39
CA VAL A 25 -3.31 2.37 1.33
C VAL A 25 -2.78 2.09 2.74
N SER A 26 -2.78 3.13 3.51
CA SER A 26 -2.31 3.07 4.92
C SER A 26 -3.15 2.12 5.77
N ILE A 27 -2.47 1.15 6.31
CA ILE A 27 -3.08 0.11 7.17
C ILE A 27 -3.76 0.78 8.37
N TYR A 28 -3.13 1.86 8.77
CA TYR A 28 -3.61 2.69 9.92
C TYR A 28 -5.05 3.13 9.67
N GLY A 29 -5.24 3.72 8.52
CA GLY A 29 -6.60 4.20 8.12
C GLY A 29 -7.52 3.00 7.90
N GLU A 30 -7.03 2.10 7.09
CA GLU A 30 -7.76 0.86 6.74
C GLU A 30 -6.71 -0.23 6.45
N SER A 1 13.50 -0.23 -3.15
CA SER A 1 12.30 0.03 -3.98
C SER A 1 11.07 -0.60 -3.32
N CYS A 2 9.97 0.12 -3.37
CA CYS A 2 8.70 -0.37 -2.76
C CYS A 2 7.50 0.40 -3.37
N SER A 3 6.34 -0.20 -3.29
CA SER A 3 5.10 0.41 -3.83
C SER A 3 4.53 1.40 -2.79
N GLY A 4 4.71 2.67 -3.04
CA GLY A 4 4.19 3.71 -2.10
C GLY A 4 2.67 3.85 -2.28
N ARG A 5 2.09 4.79 -1.58
CA ARG A 5 0.62 5.03 -1.67
C ARG A 5 -0.01 4.94 -3.08
N ASP A 6 -0.95 4.05 -3.14
CA ASP A 6 -1.76 3.72 -4.37
C ASP A 6 -1.09 2.76 -5.38
N SER A 7 0.09 2.31 -5.07
CA SER A 7 0.81 1.36 -6.00
C SER A 7 0.27 -0.07 -5.85
N ARG A 8 0.44 -0.88 -6.87
CA ARG A 8 -0.04 -2.30 -6.85
C ARG A 8 0.55 -3.10 -5.68
N CYS A 9 -0.33 -3.78 -4.99
CA CYS A 9 0.06 -4.62 -3.81
C CYS A 9 -1.01 -5.67 -3.46
N VAL A 12 3.78 -5.99 -2.04
CA VAL A 12 4.68 -5.07 -2.78
C VAL A 12 4.86 -3.70 -2.13
N CYS A 13 3.82 -3.25 -1.46
CA CYS A 13 3.90 -1.92 -0.80
C CYS A 13 5.00 -1.68 0.23
N CYS A 14 5.19 -0.40 0.40
CA CYS A 14 6.19 0.18 1.32
C CYS A 14 5.77 -0.05 2.78
N MET A 15 6.65 0.32 3.68
CA MET A 15 6.38 0.16 5.13
C MET A 15 5.16 0.98 5.59
N GLY A 16 4.19 0.28 6.10
CA GLY A 16 2.93 0.90 6.59
C GLY A 16 1.82 0.78 5.55
N LEU A 17 2.21 0.50 4.32
CA LEU A 17 1.24 0.35 3.21
C LEU A 17 0.93 -1.13 2.90
N MET A 18 -0.32 -1.40 2.63
CA MET A 18 -0.80 -2.78 2.30
C MET A 18 -1.59 -2.59 1.00
N CYS A 19 -2.80 -3.10 0.87
CA CYS A 19 -3.53 -2.88 -0.42
C CYS A 19 -5.06 -2.92 -0.36
N SER A 20 -5.60 -1.83 -0.83
CA SER A 20 -7.07 -1.62 -0.89
C SER A 20 -7.49 -2.23 -2.25
N ARG A 21 -7.35 -3.53 -2.31
CA ARG A 21 -7.70 -4.35 -3.51
C ARG A 21 -6.67 -4.22 -4.65
N GLY A 22 -5.67 -3.40 -4.47
CA GLY A 22 -4.64 -3.23 -5.55
C GLY A 22 -3.98 -1.85 -5.58
N LYS A 23 -4.17 -1.10 -4.52
CA LYS A 23 -3.58 0.27 -4.41
C LYS A 23 -3.10 0.39 -2.96
N CYS A 24 -1.87 0.81 -2.77
CA CYS A 24 -1.37 0.94 -1.38
C CYS A 24 -2.16 1.95 -0.56
N VAL A 25 -2.35 1.55 0.67
CA VAL A 25 -3.09 2.35 1.66
C VAL A 25 -2.50 2.05 3.02
N SER A 26 -2.44 3.08 3.82
CA SER A 26 -1.91 2.98 5.19
C SER A 26 -2.79 2.04 5.99
N ILE A 27 -2.16 1.07 6.61
CA ILE A 27 -2.87 0.05 7.44
C ILE A 27 -3.93 0.71 8.34
N TYR A 28 -3.60 1.92 8.71
CA TYR A 28 -4.48 2.75 9.58
C TYR A 28 -5.83 3.01 8.90
N GLY A 29 -5.77 3.62 7.75
CA GLY A 29 -7.02 3.93 6.98
C GLY A 29 -7.67 2.64 6.46
N GLU A 30 -6.83 1.80 5.92
CA GLU A 30 -7.24 0.48 5.36
C GLU A 30 -6.03 -0.47 5.59
N SER A 1 13.39 -0.58 -3.98
CA SER A 1 12.17 0.28 -4.05
C SER A 1 10.96 -0.46 -3.45
N CYS A 2 9.89 0.28 -3.30
CA CYS A 2 8.63 -0.29 -2.73
C CYS A 2 7.41 0.42 -3.33
N SER A 3 6.27 -0.22 -3.20
CA SER A 3 5.00 0.32 -3.73
C SER A 3 4.46 1.36 -2.72
N GLY A 4 4.64 2.62 -3.01
CA GLY A 4 4.15 3.69 -2.10
C GLY A 4 2.64 3.87 -2.34
N ARG A 5 2.03 4.79 -1.63
CA ARG A 5 0.55 5.03 -1.79
C ARG A 5 0.01 4.97 -3.22
N ASP A 6 -0.93 4.07 -3.36
CA ASP A 6 -1.68 3.75 -4.62
C ASP A 6 -1.03 2.72 -5.55
N SER A 7 0.14 2.24 -5.20
CA SER A 7 0.84 1.22 -6.05
C SER A 7 0.27 -0.20 -5.86
N ARG A 8 0.42 -1.02 -6.87
CA ARG A 8 -0.08 -2.44 -6.83
C ARG A 8 0.55 -3.19 -5.64
N CYS A 9 -0.31 -3.85 -4.89
CA CYS A 9 0.09 -4.64 -3.69
C CYS A 9 -1.00 -5.67 -3.30
N VAL A 12 3.74 -5.98 -1.84
CA VAL A 12 4.65 -5.08 -2.58
C VAL A 12 4.83 -3.70 -1.93
N CYS A 13 3.79 -3.25 -1.28
CA CYS A 13 3.86 -1.92 -0.62
C CYS A 13 4.97 -1.67 0.40
N CYS A 14 5.16 -0.39 0.55
CA CYS A 14 6.17 0.20 1.47
C CYS A 14 5.78 -0.06 2.92
N MET A 15 6.72 0.21 3.79
CA MET A 15 6.48 0.02 5.26
C MET A 15 5.41 1.01 5.74
N GLY A 16 4.24 0.48 6.01
CA GLY A 16 3.11 1.32 6.50
C GLY A 16 1.94 1.28 5.51
N LEU A 17 2.17 0.65 4.37
CA LEU A 17 1.16 0.52 3.29
C LEU A 17 0.82 -0.97 3.04
N MET A 18 -0.43 -1.21 2.68
CA MET A 18 -0.95 -2.58 2.39
C MET A 18 -1.71 -2.42 1.05
N CYS A 19 -2.89 -2.97 0.88
CA CYS A 19 -3.59 -2.77 -0.43
C CYS A 19 -5.11 -2.82 -0.46
N SER A 20 -5.63 -1.74 -1.00
CA SER A 20 -7.09 -1.52 -1.16
C SER A 20 -7.44 -2.13 -2.53
N ARG A 21 -7.37 -3.43 -2.55
CA ARG A 21 -7.67 -4.26 -3.77
C ARG A 21 -6.60 -4.14 -4.86
N GLY A 22 -5.56 -3.39 -4.58
CA GLY A 22 -4.47 -3.24 -5.61
C GLY A 22 -3.87 -1.84 -5.68
N LYS A 23 -4.01 -1.10 -4.62
CA LYS A 23 -3.48 0.29 -4.53
C LYS A 23 -3.04 0.45 -3.08
N CYS A 24 -1.84 0.88 -2.84
CA CYS A 24 -1.40 1.03 -1.43
C CYS A 24 -2.19 2.08 -0.67
N VAL A 25 -2.43 1.70 0.55
CA VAL A 25 -3.19 2.52 1.52
C VAL A 25 -2.62 2.16 2.87
N SER A 26 -2.60 3.12 3.75
CA SER A 26 -2.06 2.88 5.11
C SER A 26 -2.73 1.71 5.84
N ILE A 27 -1.90 0.95 6.49
CA ILE A 27 -2.36 -0.23 7.27
C ILE A 27 -3.39 0.20 8.32
N TYR A 28 -3.36 1.47 8.63
CA TYR A 28 -4.29 2.07 9.63
C TYR A 28 -5.54 2.56 8.89
N GLY A 29 -5.30 3.30 7.84
CA GLY A 29 -6.41 3.87 7.00
C GLY A 29 -7.40 2.77 6.57
N GLU A 30 -6.84 1.71 6.05
CA GLU A 30 -7.63 0.54 5.58
C GLU A 30 -7.43 -0.66 6.54
N SER A 1 12.38 -0.32 -5.45
CA SER A 1 11.72 0.63 -4.50
C SER A 1 10.34 0.09 -4.10
N CYS A 2 10.01 0.27 -2.85
CA CYS A 2 8.69 -0.20 -2.31
C CYS A 2 7.51 0.54 -2.98
N SER A 3 6.38 -0.09 -2.93
CA SER A 3 5.14 0.47 -3.52
C SER A 3 4.47 1.42 -2.51
N GLY A 4 4.59 2.70 -2.74
CA GLY A 4 3.98 3.70 -1.82
C GLY A 4 2.48 3.81 -2.14
N ARG A 5 1.80 4.70 -1.47
CA ARG A 5 0.33 4.88 -1.69
C ARG A 5 -0.14 4.80 -3.16
N ASP A 6 -1.09 3.93 -3.34
CA ASP A 6 -1.78 3.60 -4.65
C ASP A 6 -1.06 2.62 -5.56
N SER A 7 0.10 2.16 -5.16
CA SER A 7 0.88 1.20 -5.99
C SER A 7 0.35 -0.25 -5.84
N ARG A 8 0.55 -1.05 -6.86
CA ARG A 8 0.10 -2.48 -6.85
C ARG A 8 0.69 -3.25 -5.67
N CYS A 9 -0.17 -3.94 -4.97
CA CYS A 9 0.23 -4.76 -3.78
C CYS A 9 -0.83 -5.83 -3.42
N VAL A 12 3.94 -5.99 -1.90
CA VAL A 12 4.83 -5.02 -2.59
C VAL A 12 4.94 -3.66 -1.89
N CYS A 13 3.87 -3.26 -1.26
CA CYS A 13 3.88 -1.95 -0.56
C CYS A 13 4.94 -1.70 0.51
N CYS A 14 5.06 -0.42 0.73
CA CYS A 14 6.00 0.16 1.71
C CYS A 14 5.57 -0.16 3.15
N MET A 15 6.46 0.12 4.06
CA MET A 15 6.17 -0.13 5.51
C MET A 15 5.07 0.81 6.00
N GLY A 16 3.91 0.26 6.19
CA GLY A 16 2.72 1.04 6.66
C GLY A 16 1.59 0.94 5.64
N LEU A 17 1.92 0.45 4.47
CA LEU A 17 0.94 0.27 3.36
C LEU A 17 0.69 -1.23 3.05
N MET A 18 -0.53 -1.53 2.68
CA MET A 18 -0.98 -2.92 2.33
C MET A 18 -1.70 -2.74 0.98
N CYS A 19 -2.86 -3.29 0.76
CA CYS A 19 -3.52 -3.10 -0.57
C CYS A 19 -5.05 -3.19 -0.60
N SER A 20 -5.61 -2.12 -1.10
CA SER A 20 -7.08 -1.98 -1.27
C SER A 20 -7.38 -2.53 -2.66
N ARG A 21 -7.23 -3.82 -2.77
CA ARG A 21 -7.47 -4.60 -4.03
C ARG A 21 -6.43 -4.32 -5.13
N GLY A 22 -5.34 -3.67 -4.80
CA GLY A 22 -4.31 -3.37 -5.86
C GLY A 22 -3.77 -1.94 -5.81
N LYS A 23 -3.94 -1.32 -4.68
CA LYS A 23 -3.45 0.09 -4.49
C LYS A 23 -3.05 0.21 -3.04
N CYS A 24 -1.86 0.68 -2.78
CA CYS A 24 -1.42 0.81 -1.38
C CYS A 24 -2.25 1.81 -0.57
N VAL A 25 -2.55 1.35 0.61
CA VAL A 25 -3.36 2.10 1.60
C VAL A 25 -2.89 1.67 2.98
N SER A 26 -2.98 2.57 3.90
CA SER A 26 -2.56 2.30 5.31
C SER A 26 -3.14 1.00 5.88
N ILE A 27 -2.26 0.31 6.56
CA ILE A 27 -2.62 -1.00 7.21
C ILE A 27 -3.74 -0.77 8.25
N TYR A 28 -3.85 0.46 8.68
CA TYR A 28 -4.88 0.84 9.69
C TYR A 28 -6.15 1.23 8.91
N GLY A 29 -5.92 2.04 7.91
CA GLY A 29 -7.00 2.54 7.01
C GLY A 29 -6.94 4.07 6.94
N GLU A 30 -5.78 4.60 7.23
CA GLU A 30 -5.54 6.06 7.21
C GLU A 30 -4.59 6.36 6.02
N SER A 1 13.43 -0.18 -3.09
CA SER A 1 12.24 0.02 -3.96
C SER A 1 11.01 -0.63 -3.30
N CYS A 2 9.92 0.06 -3.37
CA CYS A 2 8.63 -0.44 -2.77
C CYS A 2 7.43 0.29 -3.39
N SER A 3 6.27 -0.31 -3.24
CA SER A 3 5.01 0.27 -3.78
C SER A 3 4.48 1.33 -2.78
N GLY A 4 4.71 2.59 -3.08
CA GLY A 4 4.23 3.67 -2.18
C GLY A 4 2.72 3.85 -2.37
N ARG A 5 2.16 4.82 -1.72
CA ARG A 5 0.69 5.10 -1.84
C ARG A 5 0.08 4.96 -3.24
N ASP A 6 -0.89 4.07 -3.27
CA ASP A 6 -1.70 3.70 -4.48
C ASP A 6 -1.04 2.71 -5.46
N SER A 7 0.14 2.25 -5.12
CA SER A 7 0.85 1.28 -6.03
C SER A 7 0.29 -0.14 -5.85
N ARG A 8 0.45 -0.95 -6.87
CA ARG A 8 -0.06 -2.37 -6.83
C ARG A 8 0.52 -3.14 -5.62
N CYS A 9 -0.37 -3.77 -4.90
CA CYS A 9 -0.02 -4.56 -3.68
C CYS A 9 -1.13 -5.57 -3.31
N VAL A 12 3.61 -5.99 -1.82
CA VAL A 12 4.54 -5.10 -2.56
C VAL A 12 4.73 -3.72 -1.92
N CYS A 13 3.69 -3.26 -1.28
CA CYS A 13 3.77 -1.92 -0.63
C CYS A 13 4.90 -1.65 0.35
N CYS A 14 5.12 -0.37 0.47
CA CYS A 14 6.15 0.21 1.35
C CYS A 14 5.77 0.03 2.82
N MET A 15 6.71 0.34 3.68
CA MET A 15 6.45 0.21 5.14
C MET A 15 5.33 1.17 5.58
N GLY A 16 4.27 0.58 6.07
CA GLY A 16 3.10 1.38 6.54
C GLY A 16 1.94 1.30 5.54
N LEU A 17 2.19 0.71 4.39
CA LEU A 17 1.17 0.56 3.31
C LEU A 17 0.83 -0.94 3.07
N MET A 18 -0.42 -1.18 2.72
CA MET A 18 -0.93 -2.55 2.43
C MET A 18 -1.73 -2.36 1.14
N CYS A 19 -2.88 -2.96 0.95
CA CYS A 19 -3.61 -2.72 -0.34
C CYS A 19 -5.14 -2.72 -0.32
N SER A 20 -5.64 -1.64 -0.88
CA SER A 20 -7.10 -1.38 -1.02
C SER A 20 -7.47 -2.03 -2.35
N ARG A 21 -7.43 -3.34 -2.33
CA ARG A 21 -7.75 -4.20 -3.52
C ARG A 21 -6.71 -4.09 -4.64
N GLY A 22 -5.65 -3.36 -4.42
CA GLY A 22 -4.61 -3.23 -5.50
C GLY A 22 -3.94 -1.85 -5.58
N LYS A 23 -4.12 -1.06 -4.54
CA LYS A 23 -3.53 0.31 -4.48
C LYS A 23 -3.06 0.47 -3.04
N CYS A 24 -1.85 0.92 -2.83
CA CYS A 24 -1.39 1.08 -1.41
C CYS A 24 -2.17 2.13 -0.65
N VAL A 25 -2.38 1.76 0.58
CA VAL A 25 -3.12 2.59 1.55
C VAL A 25 -2.56 2.22 2.92
N SER A 26 -2.55 3.18 3.79
CA SER A 26 -2.03 2.95 5.17
C SER A 26 -2.68 1.75 5.84
N ILE A 27 -1.86 1.02 6.57
CA ILE A 27 -2.34 -0.19 7.29
C ILE A 27 -3.48 0.21 8.25
N TYR A 28 -3.51 1.48 8.57
CA TYR A 28 -4.55 2.02 9.49
C TYR A 28 -5.79 2.38 8.66
N GLY A 29 -5.56 3.07 7.57
CA GLY A 29 -6.66 3.48 6.66
C GLY A 29 -7.49 2.27 6.22
N GLU A 30 -6.77 1.27 5.80
CA GLU A 30 -7.37 -0.01 5.32
C GLU A 30 -6.54 -1.18 5.90
N SER A 1 12.22 -0.41 -5.83
CA SER A 1 11.64 0.51 -4.81
C SER A 1 10.27 -0.02 -4.36
N CYS A 2 9.93 0.29 -3.12
CA CYS A 2 8.62 -0.17 -2.55
C CYS A 2 7.45 0.61 -3.18
N SER A 3 6.29 0.02 -3.08
CA SER A 3 5.04 0.62 -3.62
C SER A 3 4.43 1.53 -2.54
N GLY A 4 4.51 2.82 -2.75
CA GLY A 4 3.95 3.79 -1.75
C GLY A 4 2.44 3.91 -1.98
N ARG A 5 1.80 4.83 -1.30
CA ARG A 5 0.33 5.03 -1.43
C ARG A 5 -0.25 4.91 -2.86
N ASP A 6 -1.18 3.98 -2.93
CA ASP A 6 -1.95 3.61 -4.16
C ASP A 6 -1.24 2.70 -5.17
N SER A 7 -0.03 2.30 -4.86
CA SER A 7 0.73 1.40 -5.79
C SER A 7 0.27 -0.06 -5.66
N ARG A 8 0.55 -0.85 -6.68
CA ARG A 8 0.16 -2.30 -6.69
C ARG A 8 0.75 -3.11 -5.51
N CYS A 9 -0.13 -3.82 -4.84
CA CYS A 9 0.23 -4.65 -3.67
C CYS A 9 -0.84 -5.73 -3.36
N VAL A 12 3.85 -6.03 -1.71
CA VAL A 12 4.81 -5.15 -2.44
C VAL A 12 4.98 -3.77 -1.83
N CYS A 13 3.92 -3.23 -1.29
CA CYS A 13 4.00 -1.88 -0.67
C CYS A 13 5.06 -1.66 0.39
N CYS A 14 5.22 -0.39 0.62
CA CYS A 14 6.18 0.17 1.60
C CYS A 14 5.77 -0.21 3.03
N MET A 15 6.68 0.02 3.94
CA MET A 15 6.43 -0.30 5.37
C MET A 15 5.34 0.63 5.93
N GLY A 16 4.20 0.05 6.19
CA GLY A 16 3.04 0.81 6.74
C GLY A 16 1.89 0.70 5.74
N LEU A 17 2.21 0.37 4.51
CA LEU A 17 1.20 0.22 3.42
C LEU A 17 0.94 -1.27 3.09
N MET A 18 -0.30 -1.55 2.74
CA MET A 18 -0.75 -2.92 2.38
C MET A 18 -1.52 -2.74 1.06
N CYS A 19 -2.74 -3.23 0.92
CA CYS A 19 -3.48 -3.03 -0.38
C CYS A 19 -4.99 -3.14 -0.33
N SER A 20 -5.59 -2.07 -0.80
CA SER A 20 -7.06 -1.92 -0.88
C SER A 20 -7.41 -2.43 -2.28
N ARG A 21 -7.32 -3.74 -2.40
CA ARG A 21 -7.61 -4.50 -3.65
C ARG A 21 -6.51 -4.39 -4.72
N GLY A 22 -5.51 -3.59 -4.48
CA GLY A 22 -4.40 -3.45 -5.48
C GLY A 22 -3.82 -2.03 -5.50
N LYS A 23 -4.07 -1.29 -4.46
CA LYS A 23 -3.56 0.11 -4.33
C LYS A 23 -3.13 0.25 -2.88
N CYS A 24 -1.94 0.72 -2.63
CA CYS A 24 -1.49 0.86 -1.22
C CYS A 24 -2.34 1.83 -0.39
N VAL A 25 -2.49 1.40 0.82
CA VAL A 25 -3.26 2.11 1.86
C VAL A 25 -2.63 1.70 3.18
N SER A 26 -2.64 2.60 4.11
CA SER A 26 -2.08 2.35 5.45
C SER A 26 -2.75 1.13 6.08
N ILE A 27 -1.96 0.37 6.78
CA ILE A 27 -2.46 -0.86 7.49
C ILE A 27 -3.72 -0.55 8.31
N TYR A 28 -3.90 0.72 8.57
CA TYR A 28 -5.07 1.20 9.34
C TYR A 28 -6.27 1.23 8.38
N GLY A 29 -6.10 1.97 7.32
CA GLY A 29 -7.15 2.11 6.27
C GLY A 29 -7.18 3.50 5.65
N GLU A 30 -6.10 4.23 5.81
CA GLU A 30 -6.00 5.62 5.24
C GLU A 30 -5.36 5.62 3.84
N SER A 1 12.70 -1.18 -5.30
CA SER A 1 12.21 -0.18 -4.31
C SER A 1 10.74 -0.47 -3.97
N CYS A 2 10.40 -0.26 -2.73
CA CYS A 2 8.98 -0.50 -2.27
C CYS A 2 8.00 0.42 -2.98
N SER A 3 6.76 0.00 -3.00
CA SER A 3 5.68 0.78 -3.66
C SER A 3 4.92 1.63 -2.64
N GLY A 4 4.95 2.93 -2.82
CA GLY A 4 4.25 3.84 -1.88
C GLY A 4 2.76 3.91 -2.22
N ARG A 5 2.09 4.84 -1.61
CA ARG A 5 0.62 5.05 -1.84
C ARG A 5 0.09 4.90 -3.28
N ASP A 6 -0.92 4.07 -3.35
CA ASP A 6 -1.67 3.71 -4.60
C ASP A 6 -1.05 2.66 -5.51
N SER A 7 0.09 2.14 -5.14
CA SER A 7 0.75 1.10 -6.00
C SER A 7 0.11 -0.29 -5.84
N ARG A 8 0.33 -1.12 -6.83
CA ARG A 8 -0.23 -2.52 -6.83
C ARG A 8 0.38 -3.28 -5.65
N CYS A 9 -0.47 -3.93 -4.89
CA CYS A 9 -0.01 -4.70 -3.70
C CYS A 9 -1.05 -5.74 -3.23
N VAL A 12 3.87 -5.85 -2.04
CA VAL A 12 4.74 -4.89 -2.77
C VAL A 12 4.87 -3.53 -2.08
N CYS A 13 3.83 -3.11 -1.41
CA CYS A 13 3.88 -1.80 -0.71
C CYS A 13 4.96 -1.62 0.35
N CYS A 14 5.17 -0.36 0.59
CA CYS A 14 6.16 0.14 1.58
C CYS A 14 5.70 -0.14 3.02
N MET A 15 6.60 0.10 3.94
CA MET A 15 6.32 -0.12 5.38
C MET A 15 5.28 0.89 5.87
N GLY A 16 4.10 0.38 6.13
CA GLY A 16 2.97 1.22 6.61
C GLY A 16 1.82 1.14 5.59
N LEU A 17 2.16 0.69 4.40
CA LEU A 17 1.16 0.55 3.30
C LEU A 17 0.88 -0.94 3.01
N MET A 18 -0.37 -1.23 2.75
CA MET A 18 -0.83 -2.62 2.44
C MET A 18 -1.59 -2.46 1.11
N CYS A 19 -2.79 -2.97 0.97
CA CYS A 19 -3.51 -2.79 -0.33
C CYS A 19 -5.03 -2.81 -0.28
N SER A 20 -5.56 -1.73 -0.82
CA SER A 20 -7.02 -1.49 -0.92
C SER A 20 -7.43 -2.19 -2.21
N ARG A 21 -7.35 -3.50 -2.16
CA ARG A 21 -7.70 -4.37 -3.32
C ARG A 21 -6.72 -4.21 -4.49
N GLY A 22 -5.68 -3.43 -4.31
CA GLY A 22 -4.69 -3.23 -5.42
C GLY A 22 -4.03 -1.85 -5.44
N LYS A 23 -4.20 -1.09 -4.38
CA LYS A 23 -3.59 0.27 -4.31
C LYS A 23 -3.06 0.44 -2.88
N CYS A 24 -1.83 0.87 -2.73
CA CYS A 24 -1.30 1.03 -1.35
C CYS A 24 -2.08 2.07 -0.55
N VAL A 25 -2.36 1.65 0.66
CA VAL A 25 -3.12 2.48 1.63
C VAL A 25 -2.59 2.14 3.02
N SER A 26 -2.62 3.13 3.87
CA SER A 26 -2.14 2.97 5.27
C SER A 26 -2.87 1.82 5.95
N ILE A 27 -2.09 1.01 6.62
CA ILE A 27 -2.63 -0.17 7.35
C ILE A 27 -3.74 0.26 8.33
N TYR A 28 -3.72 1.53 8.66
CA TYR A 28 -4.74 2.10 9.60
C TYR A 28 -5.94 2.59 8.79
N GLY A 29 -5.63 3.35 7.77
CA GLY A 29 -6.68 3.91 6.86
C GLY A 29 -7.59 2.83 6.26
N GLU A 30 -6.96 1.86 5.66
CA GLU A 30 -7.67 0.73 5.01
C GLU A 30 -6.71 -0.47 4.84
N SER A 1 11.89 1.58 -4.45
CA SER A 1 12.32 0.28 -3.83
C SER A 1 11.15 -0.42 -3.15
N CYS A 2 10.03 0.24 -3.24
CA CYS A 2 8.74 -0.26 -2.67
C CYS A 2 7.56 0.46 -3.33
N SER A 3 6.44 -0.21 -3.31
CA SER A 3 5.19 0.35 -3.91
C SER A 3 4.54 1.31 -2.90
N GLY A 4 4.82 2.58 -3.05
CA GLY A 4 4.24 3.60 -2.13
C GLY A 4 2.74 3.77 -2.41
N ARG A 5 2.11 4.64 -1.66
CA ARG A 5 0.64 4.89 -1.80
C ARG A 5 0.12 4.90 -3.26
N ASP A 6 -0.85 4.05 -3.47
CA ASP A 6 -1.56 3.84 -4.78
C ASP A 6 -0.95 2.76 -5.70
N SER A 7 0.20 2.25 -5.36
CA SER A 7 0.87 1.20 -6.20
C SER A 7 0.28 -0.22 -5.98
N ARG A 8 0.47 -1.06 -6.97
CA ARG A 8 -0.03 -2.47 -6.91
C ARG A 8 0.61 -3.25 -5.75
N CYS A 9 -0.24 -3.94 -5.02
CA CYS A 9 0.19 -4.75 -3.85
C CYS A 9 -0.88 -5.81 -3.47
N VAL A 12 3.90 -5.99 -1.99
CA VAL A 12 4.81 -5.06 -2.71
C VAL A 12 5.00 -3.69 -2.06
N CYS A 13 3.97 -3.18 -1.45
CA CYS A 13 4.10 -1.85 -0.82
C CYS A 13 5.14 -1.63 0.26
N CYS A 14 5.31 -0.35 0.47
CA CYS A 14 6.26 0.21 1.46
C CYS A 14 5.81 -0.10 2.89
N MET A 15 6.68 0.21 3.82
CA MET A 15 6.39 -0.03 5.26
C MET A 15 5.22 0.82 5.74
N GLY A 16 4.14 0.15 6.05
CA GLY A 16 2.90 0.80 6.53
C GLY A 16 1.79 0.68 5.49
N LEU A 17 2.18 0.38 4.27
CA LEU A 17 1.21 0.21 3.17
C LEU A 17 0.88 -1.26 2.87
N MET A 18 -0.37 -1.49 2.56
CA MET A 18 -0.90 -2.85 2.23
C MET A 18 -1.59 -2.64 0.87
N CYS A 19 -2.81 -3.10 0.68
CA CYS A 19 -3.48 -2.89 -0.64
C CYS A 19 -5.01 -2.96 -0.56
N SER A 20 -5.59 -1.86 -0.94
CA SER A 20 -7.07 -1.72 -0.96
C SER A 20 -7.54 -2.14 -2.35
N ARG A 21 -7.39 -3.43 -2.59
CA ARG A 21 -7.77 -4.14 -3.86
C ARG A 21 -6.65 -4.10 -4.93
N GLY A 22 -5.60 -3.34 -4.69
CA GLY A 22 -4.51 -3.26 -5.70
C GLY A 22 -3.87 -1.87 -5.74
N LYS A 23 -4.04 -1.16 -4.66
CA LYS A 23 -3.47 0.23 -4.53
C LYS A 23 -3.04 0.35 -3.08
N CYS A 24 -1.81 0.73 -2.88
CA CYS A 24 -1.30 0.87 -1.50
C CYS A 24 -2.03 1.94 -0.70
N VAL A 25 -2.30 1.54 0.51
CA VAL A 25 -3.01 2.39 1.49
C VAL A 25 -2.50 1.99 2.88
N SER A 26 -2.46 2.97 3.74
CA SER A 26 -2.01 2.78 5.14
C SER A 26 -2.88 1.81 5.94
N ILE A 27 -2.23 0.82 6.50
CA ILE A 27 -2.93 -0.21 7.31
C ILE A 27 -3.86 0.45 8.33
N TYR A 28 -3.42 1.60 8.77
CA TYR A 28 -4.17 2.41 9.76
C TYR A 28 -5.44 2.98 9.13
N GLY A 29 -5.27 3.55 7.96
CA GLY A 29 -6.41 4.16 7.20
C GLY A 29 -7.53 3.11 7.05
N GLU A 30 -7.10 1.91 6.74
CA GLU A 30 -8.05 0.77 6.57
C GLU A 30 -8.49 0.22 7.94
N SER A 1 11.90 0.30 -5.94
CA SER A 1 11.55 0.75 -4.57
C SER A 1 10.19 0.20 -4.14
N CYS A 2 9.90 0.32 -2.87
CA CYS A 2 8.61 -0.17 -2.32
C CYS A 2 7.42 0.57 -2.94
N SER A 3 6.29 -0.08 -2.91
CA SER A 3 5.04 0.50 -3.48
C SER A 3 4.39 1.42 -2.43
N GLY A 4 4.50 2.70 -2.63
CA GLY A 4 3.91 3.68 -1.67
C GLY A 4 2.40 3.81 -1.96
N ARG A 5 1.73 4.71 -1.28
CA ARG A 5 0.27 4.90 -1.48
C ARG A 5 -0.24 4.81 -2.93
N ASP A 6 -1.16 3.89 -3.08
CA ASP A 6 -1.86 3.56 -4.37
C ASP A 6 -1.12 2.64 -5.33
N SER A 7 0.07 2.23 -4.97
CA SER A 7 0.87 1.33 -5.86
C SER A 7 0.38 -0.13 -5.75
N ARG A 8 0.62 -0.92 -6.77
CA ARG A 8 0.20 -2.36 -6.79
C ARG A 8 0.77 -3.15 -5.59
N CYS A 9 -0.12 -3.86 -4.93
CA CYS A 9 0.25 -4.69 -3.74
C CYS A 9 -0.82 -5.76 -3.44
N VAL A 12 3.90 -5.99 -1.84
CA VAL A 12 4.80 -5.03 -2.55
C VAL A 12 4.91 -3.68 -1.87
N CYS A 13 3.84 -3.29 -1.21
CA CYS A 13 3.85 -1.97 -0.53
C CYS A 13 4.93 -1.75 0.54
N CYS A 14 5.06 -0.46 0.78
CA CYS A 14 6.02 0.09 1.76
C CYS A 14 5.60 -0.26 3.19
N MET A 15 6.50 -0.02 4.10
CA MET A 15 6.25 -0.31 5.54
C MET A 15 5.15 0.63 6.06
N GLY A 16 3.98 0.07 6.24
CA GLY A 16 2.81 0.86 6.74
C GLY A 16 1.66 0.81 5.73
N LEU A 17 1.95 0.28 4.56
CA LEU A 17 0.96 0.15 3.45
C LEU A 17 0.68 -1.35 3.11
N MET A 18 -0.53 -1.62 2.71
CA MET A 18 -0.99 -3.00 2.33
C MET A 18 -1.72 -2.79 0.98
N CYS A 19 -2.89 -3.33 0.77
CA CYS A 19 -3.57 -3.10 -0.54
C CYS A 19 -5.09 -3.21 -0.59
N SER A 20 -5.65 -2.16 -1.11
CA SER A 20 -7.12 -2.02 -1.27
C SER A 20 -7.41 -2.63 -2.65
N ARG A 21 -7.23 -3.93 -2.69
CA ARG A 21 -7.47 -4.76 -3.91
C ARG A 21 -6.41 -4.51 -5.02
N GLY A 22 -5.43 -3.70 -4.73
CA GLY A 22 -4.38 -3.44 -5.77
C GLY A 22 -3.79 -2.02 -5.75
N LYS A 23 -4.04 -1.31 -4.68
CA LYS A 23 -3.52 0.08 -4.52
C LYS A 23 -3.13 0.20 -3.05
N CYS A 24 -1.95 0.66 -2.76
CA CYS A 24 -1.55 0.78 -1.33
C CYS A 24 -2.42 1.76 -0.55
N VAL A 25 -2.64 1.33 0.65
CA VAL A 25 -3.45 2.06 1.65
C VAL A 25 -2.86 1.64 2.97
N SER A 26 -2.87 2.51 3.92
CA SER A 26 -2.30 2.18 5.26
C SER A 26 -2.95 0.96 5.88
N ILE A 27 -2.13 0.21 6.57
CA ILE A 27 -2.59 -1.02 7.26
C ILE A 27 -3.69 -0.64 8.28
N TYR A 28 -3.68 0.62 8.63
CA TYR A 28 -4.67 1.17 9.59
C TYR A 28 -5.93 1.58 8.82
N GLY A 29 -5.76 2.46 7.88
CA GLY A 29 -6.90 2.94 7.05
C GLY A 29 -6.69 4.31 6.42
N GLU A 30 -5.51 4.87 6.58
CA GLU A 30 -5.22 6.22 5.99
C GLU A 30 -4.90 6.11 4.48
#